data_6HD4
#
_entry.id   6HD4
#
_cell.length_a   42.160
_cell.length_b   65.025
_cell.length_c   66.086
_cell.angle_alpha   73.00
_cell.angle_beta   80.52
_cell.angle_gamma   84.88
#
_symmetry.space_group_name_H-M   'P 1'
#
loop_
_entity.id
_entity.type
_entity.pdbx_description
1 polymer 'Tyrosine-protein kinase ABL1'
2 non-polymer GLYCEROL
3 non-polymer 'CHLORIDE ION'
4 non-polymer 6-[(3~{R})-3-oxidanylpyrrolidin-1-yl]-5-pyrimidin-5-yl-~{N}-[4-(trifluoromethyloxy)phenyl]pyridine-3-carboxamide
5 non-polymer 4-(4-METHYL-PIPERAZIN-1-YLMETHYL)-N-[4-METHYL-3-(4-PYRIDIN-3-YL-PYRIMIDIN-2-YLAMINO)-PHENYL]-BENZAMIDE
6 water water
#
_entity_poly.entity_id   1
_entity_poly.type   'polypeptide(L)'
_entity_poly.pdbx_seq_one_letter_code
;GAMDPSSPNYDKWEMERTDITMKHKLGGGQYGEVYEGVWKKYSLTVAVKTLKEDTMEVEEFLKEAAVMKEIKHPNLVQLL
GVCTREPPFYIITEFMTYGNLLDYLRECNRQEVSAVVLLYMATQISSAMEYLEKKNFIHRDLAARNCLVGENHLVKVADF
GLSRLMTGDTYTAHAGAKFPIKWTAPESLAYNKFSIKSDVWAFGVLLWEIATYGMSPYPGIDLSQVYELLEKDYRMERPE
GCPEKVYELMRACWQWNPSDRPSFAEIHQAFETMFQESSISDEVEKELGKRGT
;
_entity_poly.pdbx_strand_id   A,B
#
# COMPACT_ATOMS: atom_id res chain seq x y z
N GLY A 1 -39.64 13.93 -17.77
CA GLY A 1 -38.74 12.85 -18.15
C GLY A 1 -37.76 12.56 -17.03
N ALA A 2 -37.95 11.43 -16.32
CA ALA A 2 -37.14 11.00 -15.17
C ALA A 2 -35.61 11.02 -15.41
N MET A 3 -35.19 10.86 -16.66
CA MET A 3 -33.78 10.83 -17.02
C MET A 3 -33.11 12.21 -17.05
N ASP A 4 -33.92 13.29 -17.01
CA ASP A 4 -33.40 14.66 -17.04
C ASP A 4 -33.15 15.24 -15.65
N PRO A 5 -32.00 15.95 -15.45
CA PRO A 5 -31.70 16.54 -14.12
C PRO A 5 -32.80 17.44 -13.57
N SER A 6 -33.55 18.12 -14.46
CA SER A 6 -34.66 19.01 -14.08
C SER A 6 -35.80 18.25 -13.38
N SER A 7 -36.01 16.97 -13.75
CA SER A 7 -37.07 16.13 -13.19
C SER A 7 -36.98 15.85 -11.69
N PRO A 8 -38.09 16.07 -10.94
CA PRO A 8 -38.08 15.74 -9.50
C PRO A 8 -38.01 14.23 -9.28
N ASN A 9 -38.17 13.43 -10.36
CA ASN A 9 -38.07 11.95 -10.34
C ASN A 9 -36.62 11.49 -10.68
N TYR A 10 -35.71 12.46 -10.90
CA TYR A 10 -34.32 12.18 -11.27
C TYR A 10 -33.56 11.35 -10.23
N ASP A 11 -32.79 10.36 -10.72
CA ASP A 11 -31.92 9.54 -9.88
C ASP A 11 -30.63 9.35 -10.66
N LYS A 12 -29.54 9.95 -10.15
CA LYS A 12 -28.21 9.92 -10.79
C LYS A 12 -27.70 8.51 -11.11
N TRP A 13 -28.19 7.49 -10.37
CA TRP A 13 -27.80 6.10 -10.54
C TRP A 13 -28.56 5.38 -11.64
N GLU A 14 -29.74 5.94 -12.03
CA GLU A 14 -30.57 5.35 -13.08
C GLU A 14 -29.91 5.53 -14.43
N MET A 15 -29.66 4.42 -15.10
CA MET A 15 -29.07 4.56 -16.42
C MET A 15 -29.95 4.02 -17.53
N GLU A 16 -29.69 4.47 -18.76
CA GLU A 16 -30.43 4.07 -19.95
C GLU A 16 -30.03 2.65 -20.28
N ARG A 17 -31.00 1.73 -20.31
CA ARG A 17 -30.79 0.31 -20.59
C ARG A 17 -30.09 0.06 -21.93
N THR A 18 -30.45 0.87 -22.95
CA THR A 18 -29.89 0.82 -24.31
C THR A 18 -28.40 1.16 -24.32
N ASP A 19 -27.90 1.81 -23.27
CA ASP A 19 -26.47 2.10 -23.13
C ASP A 19 -25.66 0.82 -22.85
N ILE A 20 -26.34 -0.27 -22.45
CA ILE A 20 -25.69 -1.55 -22.09
C ILE A 20 -25.92 -2.62 -23.15
N THR A 21 -24.83 -3.14 -23.73
CA THR A 21 -24.88 -4.27 -24.67
C THR A 21 -24.74 -5.53 -23.81
N MET A 22 -25.86 -6.22 -23.56
CA MET A 22 -25.93 -7.45 -22.76
C MET A 22 -25.33 -8.61 -23.54
N LYS A 23 -24.35 -9.31 -22.94
CA LYS A 23 -23.66 -10.46 -23.53
C LYS A 23 -24.04 -11.72 -22.73
N HIS A 24 -23.17 -12.75 -22.68
CA HIS A 24 -23.45 -14.02 -21.98
C HIS A 24 -23.46 -13.93 -20.44
N LYS A 25 -24.05 -14.97 -19.80
CA LYS A 25 -24.11 -15.20 -18.36
C LYS A 25 -22.68 -15.43 -17.88
N LEU A 26 -22.24 -14.75 -16.81
CA LEU A 26 -20.87 -14.85 -16.29
C LEU A 26 -20.53 -16.17 -15.60
N GLY A 27 -19.26 -16.58 -15.75
CA GLY A 27 -18.66 -17.77 -15.14
C GLY A 27 -19.44 -19.06 -15.22
N GLY A 28 -20.09 -19.32 -16.35
CA GLY A 28 -20.88 -20.52 -16.59
C GLY A 28 -22.11 -20.72 -15.71
N GLY A 29 -22.56 -19.65 -15.05
CA GLY A 29 -23.74 -19.69 -14.20
C GLY A 29 -23.47 -19.73 -12.70
N GLN A 30 -22.20 -19.59 -12.29
CA GLN A 30 -21.81 -19.62 -10.86
C GLN A 30 -22.34 -18.44 -10.03
N TYR A 31 -22.83 -17.38 -10.69
CA TYR A 31 -23.33 -16.18 -10.03
C TYR A 31 -24.80 -15.94 -10.17
N GLY A 32 -25.55 -16.94 -10.65
CA GLY A 32 -26.98 -16.78 -10.86
C GLY A 32 -27.18 -15.87 -12.06
N GLU A 33 -28.15 -14.96 -11.96
CA GLU A 33 -28.47 -14.00 -13.02
C GLU A 33 -27.54 -12.80 -13.11
N VAL A 34 -26.26 -13.06 -13.40
CA VAL A 34 -25.23 -12.05 -13.59
C VAL A 34 -24.68 -12.24 -14.99
N TYR A 35 -24.70 -11.17 -15.77
CA TYR A 35 -24.26 -11.19 -17.17
C TYR A 35 -23.08 -10.27 -17.42
N GLU A 36 -22.22 -10.65 -18.38
CA GLU A 36 -21.13 -9.81 -18.85
C GLU A 36 -21.83 -8.79 -19.78
N GLY A 37 -21.44 -7.53 -19.67
CA GLY A 37 -22.06 -6.47 -20.46
C GLY A 37 -21.05 -5.45 -20.93
N VAL A 38 -21.44 -4.62 -21.90
CA VAL A 38 -20.56 -3.56 -22.40
C VAL A 38 -21.29 -2.23 -22.28
N TRP A 39 -20.64 -1.24 -21.63
CA TRP A 39 -21.20 0.10 -21.48
C TRP A 39 -20.65 0.87 -22.68
N LYS A 40 -21.51 0.99 -23.71
CA LYS A 40 -21.29 1.61 -25.04
C LYS A 40 -20.35 2.84 -25.11
N LYS A 41 -20.77 3.97 -24.52
CA LYS A 41 -20.05 5.25 -24.49
C LYS A 41 -18.64 5.20 -23.87
N TYR A 42 -18.42 4.23 -22.97
CA TYR A 42 -17.12 4.08 -22.32
C TYR A 42 -16.30 2.88 -22.82
N SER A 43 -16.88 2.06 -23.75
CA SER A 43 -16.27 0.83 -24.33
C SER A 43 -15.68 -0.03 -23.18
N LEU A 44 -16.49 -0.16 -22.13
CA LEU A 44 -16.14 -0.79 -20.85
C LEU A 44 -16.94 -2.03 -20.61
N THR A 45 -16.27 -3.12 -20.24
CA THR A 45 -16.91 -4.38 -19.86
C THR A 45 -17.47 -4.18 -18.44
N VAL A 46 -18.69 -4.64 -18.20
CA VAL A 46 -19.35 -4.49 -16.90
C VAL A 46 -19.96 -5.82 -16.48
N ALA A 47 -20.36 -5.95 -15.20
CA ALA A 47 -21.08 -7.09 -14.68
C ALA A 47 -22.49 -6.55 -14.39
N VAL A 48 -23.51 -7.26 -14.89
CA VAL A 48 -24.92 -6.88 -14.79
C VAL A 48 -25.70 -7.97 -14.07
N LYS A 49 -26.19 -7.67 -12.87
CA LYS A 49 -27.04 -8.58 -12.10
C LYS A 49 -28.51 -8.27 -12.43
N THR A 50 -29.30 -9.31 -12.74
CA THR A 50 -30.73 -9.21 -13.08
C THR A 50 -31.52 -10.14 -12.16
N LEU A 51 -32.86 -10.11 -12.23
CA LEU A 51 -33.75 -11.00 -11.49
C LEU A 51 -34.31 -12.06 -12.46
N LYS A 52 -34.40 -13.33 -12.02
CA LYS A 52 -34.98 -14.42 -12.81
C LYS A 52 -36.51 -14.31 -12.74
N GLU A 53 -37.22 -14.69 -13.82
CA GLU A 53 -38.69 -14.59 -13.96
C GLU A 53 -39.55 -14.99 -12.76
N ASP A 54 -40.42 -14.05 -12.30
CA ASP A 54 -41.33 -14.16 -11.16
C ASP A 54 -40.65 -14.51 -9.83
N MET A 56 -41.07 -12.79 -4.50
CA MET A 56 -41.00 -11.71 -3.50
C MET A 56 -39.61 -11.05 -3.46
N GLU A 57 -38.58 -11.71 -4.03
CA GLU A 57 -37.17 -11.26 -4.04
C GLU A 57 -36.87 -9.89 -4.67
N VAL A 58 -37.91 -9.18 -5.16
CA VAL A 58 -37.81 -7.83 -5.73
C VAL A 58 -37.34 -6.85 -4.62
N GLU A 59 -37.85 -7.01 -3.40
CA GLU A 59 -37.46 -6.16 -2.28
C GLU A 59 -36.01 -6.36 -1.81
N GLU A 60 -35.49 -7.61 -1.86
CA GLU A 60 -34.10 -7.91 -1.49
C GLU A 60 -33.15 -7.29 -2.52
N PHE A 61 -33.53 -7.39 -3.81
CA PHE A 61 -32.78 -6.84 -4.93
C PHE A 61 -32.72 -5.32 -4.85
N LEU A 62 -33.88 -4.67 -4.62
CA LEU A 62 -33.92 -3.20 -4.53
C LEU A 62 -33.19 -2.71 -3.28
N LYS A 63 -33.19 -3.51 -2.21
CA LYS A 63 -32.48 -3.19 -0.96
C LYS A 63 -30.96 -3.23 -1.24
N GLU A 64 -30.49 -4.24 -1.99
CA GLU A 64 -29.07 -4.34 -2.40
C GLU A 64 -28.67 -3.11 -3.21
N ALA A 65 -29.50 -2.71 -4.20
CA ALA A 65 -29.23 -1.49 -4.99
C ALA A 65 -29.12 -0.26 -4.09
N ALA A 66 -30.04 -0.12 -3.09
CA ALA A 66 -30.03 1.00 -2.15
C ALA A 66 -28.73 1.03 -1.29
N VAL A 67 -28.32 -0.14 -0.75
CA VAL A 67 -27.08 -0.27 0.05
C VAL A 67 -25.85 0.12 -0.78
N MET A 68 -25.79 -0.36 -2.03
CA MET A 68 -24.65 -0.10 -2.92
C MET A 68 -24.44 1.37 -3.25
N LYS A 69 -25.55 2.17 -3.27
CA LYS A 69 -25.48 3.62 -3.52
C LYS A 69 -24.86 4.34 -2.31
N GLU A 70 -24.86 3.69 -1.16
CA GLU A 70 -24.35 4.28 0.08
C GLU A 70 -22.90 3.97 0.36
N ILE A 71 -22.30 3.02 -0.40
CA ILE A 71 -20.92 2.59 -0.18
C ILE A 71 -20.00 2.88 -1.33
N LYS A 72 -18.81 3.46 -1.01
CA LYS A 72 -17.79 3.83 -1.97
C LYS A 72 -16.41 3.65 -1.30
N HIS A 73 -15.62 2.70 -1.82
CA HIS A 73 -14.30 2.39 -1.26
C HIS A 73 -13.44 1.77 -2.36
N PRO A 74 -12.13 2.03 -2.42
CA PRO A 74 -11.30 1.39 -3.48
C PRO A 74 -11.33 -0.15 -3.44
N ASN A 75 -11.61 -0.75 -2.27
CA ASN A 75 -11.61 -2.22 -2.14
C ASN A 75 -12.98 -2.87 -1.99
N LEU A 76 -14.04 -2.16 -2.43
CA LEU A 76 -15.42 -2.64 -2.46
C LEU A 76 -15.90 -2.54 -3.91
N VAL A 77 -16.47 -3.63 -4.46
CA VAL A 77 -16.96 -3.64 -5.83
C VAL A 77 -17.82 -2.37 -6.08
N GLN A 78 -17.49 -1.58 -7.10
CA GLN A 78 -18.16 -0.31 -7.26
C GLN A 78 -19.43 -0.34 -8.10
N LEU A 79 -20.53 0.17 -7.53
CA LEU A 79 -21.78 0.34 -8.28
C LEU A 79 -21.54 1.40 -9.39
N LEU A 80 -21.95 1.10 -10.62
CA LEU A 80 -21.82 2.05 -11.71
C LEU A 80 -23.17 2.66 -12.08
N GLY A 81 -24.23 1.89 -11.85
CA GLY A 81 -25.59 2.30 -12.15
C GLY A 81 -26.61 1.19 -11.98
N VAL A 82 -27.89 1.59 -12.03
CA VAL A 82 -29.05 0.70 -11.92
C VAL A 82 -30.08 0.95 -13.09
N CYS A 83 -30.94 -0.05 -13.34
CA CYS A 83 -32.09 0.02 -14.24
C CYS A 83 -33.21 -0.53 -13.37
N THR A 84 -33.79 0.35 -12.53
CA THR A 84 -34.84 -0.06 -11.59
C THR A 84 -36.17 0.70 -11.74
N ARG A 85 -36.36 1.43 -12.86
CA ARG A 85 -37.60 2.17 -13.11
C ARG A 85 -38.72 1.22 -13.52
N GLU A 86 -38.37 0.20 -14.32
CA GLU A 86 -39.29 -0.81 -14.83
C GLU A 86 -38.59 -2.16 -14.90
N PRO A 87 -39.31 -3.29 -14.71
CA PRO A 87 -38.66 -4.61 -14.88
C PRO A 87 -38.21 -4.79 -16.35
N PRO A 88 -37.12 -5.52 -16.66
CA PRO A 88 -36.24 -6.29 -15.77
C PRO A 88 -35.25 -5.40 -15.00
N PHE A 89 -35.18 -5.59 -13.69
CA PHE A 89 -34.28 -4.81 -12.84
C PHE A 89 -32.81 -5.17 -13.01
N TYR A 90 -31.93 -4.14 -13.18
CA TYR A 90 -30.48 -4.32 -13.34
C TYR A 90 -29.69 -3.60 -12.24
N ILE A 91 -28.54 -4.20 -11.84
CA ILE A 91 -27.54 -3.60 -10.97
C ILE A 91 -26.27 -3.78 -11.80
N ILE A 92 -25.62 -2.68 -12.16
CA ILE A 92 -24.42 -2.68 -12.97
C ILE A 92 -23.22 -2.31 -12.11
N THR A 93 -22.19 -3.16 -12.15
CA THR A 93 -20.92 -2.87 -11.50
C THR A 93 -19.82 -3.02 -12.52
N GLU A 94 -18.64 -2.62 -12.13
CA GLU A 94 -17.41 -2.78 -12.88
C GLU A 94 -17.13 -4.31 -12.95
N PHE A 95 -16.50 -4.75 -14.06
CA PHE A 95 -16.06 -6.13 -14.29
C PHE A 95 -14.60 -6.20 -13.79
N MET A 96 -14.23 -7.31 -13.11
CA MET A 96 -12.89 -7.50 -12.54
C MET A 96 -12.22 -8.63 -13.32
N THR A 97 -11.20 -8.28 -14.08
CA THR A 97 -10.49 -9.16 -15.03
C THR A 97 -10.25 -10.57 -14.58
N TYR A 98 -9.67 -10.74 -13.38
CA TYR A 98 -9.23 -12.04 -12.91
C TYR A 98 -10.24 -12.84 -12.09
N GLY A 99 -11.45 -12.32 -12.01
CA GLY A 99 -12.58 -13.00 -11.38
C GLY A 99 -12.43 -13.23 -9.89
N ASN A 100 -13.14 -14.23 -9.38
CA ASN A 100 -13.13 -14.46 -7.93
C ASN A 100 -11.79 -14.86 -7.35
N LEU A 101 -11.52 -14.38 -6.14
CA LEU A 101 -10.26 -14.61 -5.42
C LEU A 101 -10.00 -16.07 -5.11
N LEU A 102 -11.03 -16.83 -4.75
CA LEU A 102 -10.79 -18.23 -4.38
C LEU A 102 -10.17 -19.01 -5.57
N ASP A 103 -10.81 -18.97 -6.75
CA ASP A 103 -10.27 -19.65 -7.95
C ASP A 103 -8.92 -19.05 -8.33
N TYR A 104 -8.78 -17.72 -8.20
CA TYR A 104 -7.52 -17.02 -8.52
C TYR A 104 -6.38 -17.56 -7.66
N LEU A 105 -6.60 -17.70 -6.34
CA LEU A 105 -5.59 -18.23 -5.44
C LEU A 105 -5.22 -19.65 -5.83
N ARG A 106 -6.23 -20.46 -6.19
CA ARG A 106 -5.98 -21.87 -6.49
C ARG A 106 -5.28 -22.04 -7.83
N GLU A 107 -5.49 -21.11 -8.76
CA GLU A 107 -4.93 -21.23 -10.12
C GLU A 107 -3.71 -20.38 -10.42
N CYS A 108 -3.39 -19.43 -9.53
CA CYS A 108 -2.31 -18.45 -9.78
C CYS A 108 -0.92 -19.01 -9.93
N ASN A 109 -0.11 -18.31 -10.70
CA ASN A 109 1.31 -18.59 -10.84
C ASN A 109 1.91 -18.05 -9.51
N ARG A 110 2.55 -18.92 -8.75
CA ARG A 110 3.08 -18.59 -7.41
C ARG A 110 4.33 -17.73 -7.35
N GLN A 111 5.10 -17.64 -8.45
CA GLN A 111 6.26 -16.75 -8.50
C GLN A 111 5.67 -15.33 -8.57
N GLU A 112 4.56 -15.17 -9.31
CA GLU A 112 3.90 -13.86 -9.38
C GLU A 112 3.19 -13.54 -8.04
N VAL A 113 2.36 -14.44 -7.57
CA VAL A 113 1.52 -14.26 -6.37
C VAL A 113 2.30 -14.79 -5.20
N SER A 114 3.32 -14.04 -4.83
CA SER A 114 4.27 -14.34 -3.74
C SER A 114 3.68 -13.91 -2.39
N ALA A 115 4.44 -14.08 -1.29
CA ALA A 115 4.06 -13.70 0.09
C ALA A 115 3.72 -12.20 0.15
N VAL A 116 4.42 -11.36 -0.63
CA VAL A 116 4.20 -9.91 -0.67
C VAL A 116 2.82 -9.61 -1.27
N VAL A 117 2.47 -10.30 -2.37
CA VAL A 117 1.18 -10.14 -3.03
C VAL A 117 0.04 -10.63 -2.11
N LEU A 118 0.18 -11.81 -1.49
CA LEU A 118 -0.88 -12.33 -0.57
C LEU A 118 -1.10 -11.33 0.61
N LEU A 119 -0.01 -10.74 1.12
CA LEU A 119 -0.12 -9.74 2.18
C LEU A 119 -0.91 -8.53 1.70
N TYR A 120 -0.61 -8.03 0.48
CA TYR A 120 -1.35 -6.91 -0.13
C TYR A 120 -2.86 -7.24 -0.28
N MET A 121 -3.17 -8.48 -0.71
N MET A 121 -3.16 -8.49 -0.71
CA MET A 121 -4.57 -8.89 -0.85
CA MET A 121 -4.52 -9.02 -0.86
C MET A 121 -5.30 -8.92 0.49
C MET A 121 -5.27 -8.93 0.47
N ALA A 122 -4.67 -9.45 1.54
CA ALA A 122 -5.26 -9.46 2.91
C ALA A 122 -5.48 -8.03 3.42
N THR A 123 -4.49 -7.14 3.21
CA THR A 123 -4.53 -5.72 3.64
C THR A 123 -5.66 -4.98 2.94
N GLN A 124 -5.80 -5.16 1.62
CA GLN A 124 -6.90 -4.55 0.88
C GLN A 124 -8.26 -4.98 1.42
N ILE A 125 -8.41 -6.27 1.73
CA ILE A 125 -9.68 -6.77 2.26
C ILE A 125 -9.92 -6.14 3.63
N SER A 126 -8.89 -6.08 4.49
CA SER A 126 -9.06 -5.46 5.79
C SER A 126 -9.49 -3.96 5.65
N SER A 127 -9.00 -3.22 4.64
CA SER A 127 -9.36 -1.81 4.43
CA SER A 127 -9.36 -1.80 4.40
C SER A 127 -10.85 -1.70 4.06
N ALA A 128 -11.34 -2.56 3.13
CA ALA A 128 -12.76 -2.59 2.72
C ALA A 128 -13.62 -2.86 3.97
N MET A 129 -13.17 -3.79 4.82
CA MET A 129 -13.93 -4.16 6.03
C MET A 129 -13.88 -3.08 7.10
N GLU A 130 -12.77 -2.35 7.22
CA GLU A 130 -12.68 -1.23 8.17
C GLU A 130 -13.70 -0.14 7.76
N TYR A 131 -13.86 0.11 6.45
CA TYR A 131 -14.86 1.04 5.90
C TYR A 131 -16.27 0.57 6.24
N LEU A 132 -16.61 -0.73 5.98
CA LEU A 132 -17.96 -1.26 6.32
C LEU A 132 -18.22 -1.14 7.84
N GLU A 133 -17.23 -1.42 8.67
CA GLU A 133 -17.31 -1.30 10.14
C GLU A 133 -17.61 0.19 10.53
N LYS A 134 -16.87 1.14 9.97
CA LYS A 134 -17.09 2.60 10.21
C LYS A 134 -18.49 3.06 9.74
N LYS A 135 -18.99 2.53 8.63
CA LYS A 135 -20.32 2.88 8.10
C LYS A 135 -21.46 2.10 8.77
N ASN A 136 -21.16 1.28 9.77
CA ASN A 136 -22.13 0.47 10.49
C ASN A 136 -22.82 -0.59 9.63
N PHE A 137 -22.10 -1.13 8.64
CA PHE A 137 -22.65 -2.23 7.86
C PHE A 137 -22.00 -3.51 8.37
N ILE A 138 -22.64 -4.64 8.04
CA ILE A 138 -22.18 -6.01 8.35
CA ILE A 138 -22.07 -5.95 8.29
C ILE A 138 -22.09 -6.70 6.98
N HIS A 139 -21.07 -7.49 6.72
CA HIS A 139 -21.05 -8.16 5.43
C HIS A 139 -21.97 -9.37 5.44
N ARG A 140 -21.78 -10.30 6.42
CA ARG A 140 -22.55 -11.55 6.66
C ARG A 140 -22.03 -12.79 5.92
N ASP A 141 -21.23 -12.62 4.85
CA ASP A 141 -20.73 -13.79 4.12
C ASP A 141 -19.33 -13.50 3.53
N LEU A 142 -18.43 -13.04 4.42
CA LEU A 142 -17.09 -12.74 4.00
C LEU A 142 -16.30 -14.06 3.80
N ALA A 143 -15.68 -14.21 2.61
CA ALA A 143 -14.90 -15.38 2.22
C ALA A 143 -14.23 -15.04 0.89
N ALA A 144 -13.21 -15.83 0.51
CA ALA A 144 -12.46 -15.62 -0.76
C ALA A 144 -13.35 -15.74 -1.98
N ARG A 145 -14.42 -16.61 -1.91
CA ARG A 145 -15.37 -16.82 -3.02
C ARG A 145 -16.16 -15.53 -3.27
N ASN A 146 -16.19 -14.63 -2.25
CA ASN A 146 -16.92 -13.37 -2.36
C ASN A 146 -16.02 -12.17 -2.64
N CYS A 147 -14.77 -12.40 -3.09
CA CYS A 147 -13.83 -11.31 -3.44
C CYS A 147 -13.46 -11.43 -4.90
N LEU A 148 -13.07 -10.31 -5.52
CA LEU A 148 -12.67 -10.27 -6.94
C LEU A 148 -11.27 -9.75 -7.11
N VAL A 149 -10.63 -10.11 -8.23
CA VAL A 149 -9.25 -9.73 -8.46
C VAL A 149 -9.21 -8.97 -9.76
N GLY A 150 -8.56 -7.82 -9.72
CA GLY A 150 -8.39 -6.98 -10.89
C GLY A 150 -6.95 -6.90 -11.31
N GLU A 151 -6.63 -5.86 -12.08
CA GLU A 151 -5.26 -5.63 -12.56
C GLU A 151 -4.35 -5.31 -11.42
N ASN A 152 -3.07 -5.73 -11.50
CA ASN A 152 -2.07 -5.39 -10.48
C ASN A 152 -2.45 -5.84 -9.07
N HIS A 153 -3.06 -7.04 -8.95
CA HIS A 153 -3.41 -7.66 -7.66
C HIS A 153 -4.38 -6.84 -6.81
N LEU A 154 -5.20 -6.01 -7.50
CA LEU A 154 -6.28 -5.21 -6.91
C LEU A 154 -7.31 -6.22 -6.44
N VAL A 155 -7.81 -6.05 -5.22
CA VAL A 155 -8.80 -6.94 -4.64
C VAL A 155 -9.96 -6.10 -4.17
N LYS A 156 -11.17 -6.56 -4.50
CA LYS A 156 -12.41 -5.92 -4.08
C LYS A 156 -13.31 -6.90 -3.38
N VAL A 157 -13.88 -6.49 -2.25
CA VAL A 157 -14.84 -7.34 -1.53
C VAL A 157 -16.19 -7.16 -2.23
N ALA A 158 -16.88 -8.27 -2.43
CA ALA A 158 -18.20 -8.24 -3.04
C ALA A 158 -19.17 -9.09 -2.17
N ASP A 159 -20.36 -9.26 -2.63
CA ASP A 159 -21.37 -10.10 -2.00
C ASP A 159 -22.32 -10.57 -3.11
N PHE A 160 -22.10 -11.80 -3.55
CA PHE A 160 -22.77 -12.43 -4.67
C PHE A 160 -24.05 -13.19 -4.32
N GLY A 161 -24.45 -13.20 -3.04
CA GLY A 161 -25.64 -13.91 -2.57
C GLY A 161 -25.61 -15.36 -3.00
N LEU A 162 -24.50 -16.03 -2.70
CA LEU A 162 -24.20 -17.39 -3.13
C LEU A 162 -24.95 -18.56 -2.41
N SER A 163 -25.47 -18.33 -1.18
CA SER A 163 -26.06 -19.38 -0.33
C SER A 163 -27.00 -20.41 -0.97
N ARG A 164 -27.87 -19.95 -1.87
CA ARG A 164 -28.85 -20.79 -2.56
C ARG A 164 -28.49 -21.07 -4.05
N LEU A 165 -27.33 -20.56 -4.52
CA LEU A 165 -26.84 -20.74 -5.91
C LEU A 165 -25.74 -21.82 -5.96
N MET A 166 -24.70 -21.66 -5.13
CA MET A 166 -23.53 -22.55 -5.08
C MET A 166 -23.85 -24.01 -4.81
N THR A 167 -23.22 -24.89 -5.60
CA THR A 167 -23.36 -26.35 -5.53
C THR A 167 -22.29 -26.90 -4.56
N GLY A 168 -22.50 -28.10 -4.06
CA GLY A 168 -21.56 -28.72 -3.15
C GLY A 168 -21.87 -28.39 -1.71
N ASP A 169 -20.97 -28.77 -0.80
CA ASP A 169 -21.16 -28.56 0.63
C ASP A 169 -20.64 -27.24 1.23
N THR A 170 -20.30 -26.22 0.39
CA THR A 170 -19.84 -24.93 0.94
C THR A 170 -20.93 -24.39 1.90
N TYR A 171 -22.18 -24.30 1.42
CA TYR A 171 -23.33 -23.87 2.19
C TYR A 171 -24.20 -25.08 2.47
N THR A 172 -24.60 -25.27 3.72
CA THR A 172 -25.47 -26.39 4.08
C THR A 172 -26.60 -25.87 4.96
N ALA A 173 -27.73 -26.64 5.06
CA ALA A 173 -28.90 -26.27 5.85
C ALA A 173 -28.56 -26.11 7.32
N HIS A 174 -29.03 -24.98 7.89
CA HIS A 174 -28.85 -24.62 9.30
C HIS A 174 -29.82 -23.49 9.61
N ALA A 175 -30.64 -23.68 10.67
CA ALA A 175 -31.63 -22.70 11.12
C ALA A 175 -32.61 -22.18 10.04
N GLY A 176 -33.04 -23.07 9.14
CA GLY A 176 -33.97 -22.72 8.05
C GLY A 176 -33.38 -21.90 6.91
N ALA A 177 -32.05 -21.95 6.75
CA ALA A 177 -31.34 -21.22 5.70
C ALA A 177 -30.06 -22.00 5.36
N LYS A 178 -29.31 -21.53 4.35
CA LYS A 178 -28.06 -22.17 3.94
C LYS A 178 -26.90 -21.34 4.48
N PHE A 179 -26.10 -21.96 5.37
CA PHE A 179 -24.95 -21.31 5.99
C PHE A 179 -23.64 -21.87 5.48
N PRO A 180 -22.58 -21.03 5.32
CA PRO A 180 -21.24 -21.59 5.05
C PRO A 180 -20.67 -21.87 6.43
N ILE A 181 -20.97 -23.09 6.97
CA ILE A 181 -20.61 -23.48 8.36
C ILE A 181 -19.14 -23.13 8.73
N LYS A 182 -18.19 -23.48 7.86
CA LYS A 182 -16.78 -23.30 8.16
C LYS A 182 -16.24 -21.86 8.23
N TRP A 183 -17.03 -20.88 7.80
CA TRP A 183 -16.68 -19.45 7.86
C TRP A 183 -17.53 -18.75 8.92
N THR A 184 -18.52 -19.48 9.49
CA THR A 184 -19.50 -18.87 10.39
C THR A 184 -19.06 -18.81 11.85
N ALA A 185 -19.12 -17.60 12.45
CA ALA A 185 -18.75 -17.41 13.85
C ALA A 185 -19.64 -18.28 14.74
N PRO A 186 -19.11 -18.84 15.84
CA PRO A 186 -19.93 -19.75 16.67
C PRO A 186 -21.24 -19.15 17.22
N GLU A 187 -21.23 -17.88 17.60
CA GLU A 187 -22.44 -17.21 18.08
C GLU A 187 -23.46 -17.03 16.99
N SER A 188 -23.00 -16.95 15.69
CA SER A 188 -23.92 -16.90 14.55
C SER A 188 -24.57 -18.26 14.36
N LEU A 189 -23.81 -19.37 14.53
CA LEU A 189 -24.40 -20.71 14.40
C LEU A 189 -25.33 -21.07 15.56
N ALA A 190 -24.91 -20.75 16.80
CA ALA A 190 -25.63 -21.18 18.00
C ALA A 190 -26.74 -20.22 18.41
N TYR A 191 -26.53 -18.90 18.27
CA TYR A 191 -27.50 -17.92 18.75
C TYR A 191 -28.02 -16.99 17.69
N ASN A 192 -27.76 -17.29 16.38
CA ASN A 192 -28.22 -16.43 15.29
C ASN A 192 -27.76 -14.99 15.48
N LYS A 193 -26.61 -14.79 16.11
CA LYS A 193 -26.07 -13.47 16.35
C LYS A 193 -25.06 -13.08 15.26
N PHE A 194 -25.40 -12.07 14.44
CA PHE A 194 -24.50 -11.57 13.40
C PHE A 194 -24.11 -10.14 13.73
N SER A 195 -22.82 -9.79 13.56
CA SER A 195 -22.36 -8.45 13.86
C SER A 195 -21.09 -8.24 13.07
N ILE A 196 -20.46 -7.07 13.22
CA ILE A 196 -19.17 -6.83 12.59
C ILE A 196 -18.12 -7.82 13.16
N LYS A 197 -18.32 -8.28 14.42
CA LYS A 197 -17.41 -9.22 15.05
C LYS A 197 -17.56 -10.59 14.45
N SER A 198 -18.75 -10.96 13.95
CA SER A 198 -18.86 -12.26 13.28
C SER A 198 -18.22 -12.13 11.87
N ASP A 199 -18.19 -10.91 11.28
CA ASP A 199 -17.42 -10.71 10.02
C ASP A 199 -15.93 -10.83 10.33
N VAL A 200 -15.49 -10.44 11.58
CA VAL A 200 -14.09 -10.55 12.00
C VAL A 200 -13.69 -12.02 12.01
N TRP A 201 -14.55 -12.85 12.59
CA TRP A 201 -14.28 -14.29 12.59
C TRP A 201 -14.12 -14.80 11.15
N ALA A 202 -15.07 -14.49 10.22
CA ALA A 202 -15.01 -14.92 8.81
C ALA A 202 -13.73 -14.40 8.14
N PHE A 203 -13.31 -13.17 8.48
CA PHE A 203 -12.04 -12.62 7.99
C PHE A 203 -10.86 -13.51 8.37
N GLY A 204 -10.86 -14.06 9.59
CA GLY A 204 -9.81 -14.98 10.03
C GLY A 204 -9.75 -16.23 9.16
N VAL A 205 -10.93 -16.77 8.76
CA VAL A 205 -11.00 -17.93 7.86
C VAL A 205 -10.48 -17.53 6.48
N LEU A 206 -10.92 -16.37 5.96
CA LEU A 206 -10.48 -15.82 4.67
C LEU A 206 -8.93 -15.64 4.65
N LEU A 207 -8.35 -15.18 5.77
CA LEU A 207 -6.90 -15.04 5.94
C LEU A 207 -6.19 -16.40 5.83
N TRP A 208 -6.78 -17.44 6.40
CA TRP A 208 -6.29 -18.79 6.31
C TRP A 208 -6.41 -19.28 4.83
N GLU A 209 -7.48 -18.90 4.09
CA GLU A 209 -7.62 -19.27 2.65
C GLU A 209 -6.47 -18.64 1.83
N ILE A 210 -6.16 -17.37 2.11
CA ILE A 210 -5.08 -16.66 1.42
C ILE A 210 -3.75 -17.35 1.74
N ALA A 211 -3.50 -17.60 3.03
CA ALA A 211 -2.27 -18.22 3.55
C ALA A 211 -2.04 -19.61 3.01
N THR A 212 -3.08 -20.30 2.49
CA THR A 212 -2.95 -21.66 1.92
C THR A 212 -3.17 -21.70 0.42
N TYR A 213 -3.22 -20.54 -0.28
CA TYR A 213 -3.57 -20.51 -1.71
C TYR A 213 -4.93 -21.16 -2.02
N GLY A 214 -5.93 -20.85 -1.17
CA GLY A 214 -7.29 -21.32 -1.38
C GLY A 214 -7.62 -22.74 -0.98
N MET A 215 -6.99 -23.29 0.06
CA MET A 215 -7.39 -24.62 0.50
C MET A 215 -8.73 -24.49 1.23
N SER A 216 -9.55 -25.57 1.26
CA SER A 216 -10.85 -25.58 1.96
C SER A 216 -10.56 -25.66 3.46
N PRO A 217 -11.22 -24.83 4.29
CA PRO A 217 -10.91 -24.84 5.74
C PRO A 217 -11.33 -26.11 6.48
N TYR A 218 -10.74 -26.36 7.67
CA TYR A 218 -10.96 -27.53 8.52
C TYR A 218 -10.94 -28.81 7.66
N PRO A 219 -9.90 -29.03 6.83
CA PRO A 219 -9.96 -30.19 5.92
C PRO A 219 -10.00 -31.52 6.63
N GLY A 220 -10.92 -32.36 6.18
CA GLY A 220 -11.11 -33.70 6.74
C GLY A 220 -11.97 -33.73 7.98
N ILE A 221 -12.49 -32.56 8.42
CA ILE A 221 -13.35 -32.47 9.60
C ILE A 221 -14.79 -32.35 9.15
N ASP A 222 -15.66 -33.22 9.70
CA ASP A 222 -17.09 -33.18 9.37
C ASP A 222 -17.72 -31.90 9.87
N LEU A 223 -18.71 -31.36 9.11
CA LEU A 223 -19.46 -30.16 9.45
C LEU A 223 -20.18 -30.31 10.77
N SER A 224 -20.60 -31.54 11.10
CA SER A 224 -21.30 -31.84 12.35
C SER A 224 -20.37 -31.69 13.56
N GLN A 225 -19.04 -31.64 13.33
CA GLN A 225 -18.05 -31.55 14.41
C GLN A 225 -17.45 -30.19 14.67
N VAL A 226 -17.63 -29.27 13.73
CA VAL A 226 -17.02 -27.95 13.75
C VAL A 226 -17.39 -27.14 14.99
N TYR A 227 -18.69 -26.98 15.30
CA TYR A 227 -19.08 -26.22 16.49
C TYR A 227 -18.48 -26.77 17.77
N GLU A 228 -18.67 -28.07 18.00
CA GLU A 228 -18.19 -28.78 19.19
C GLU A 228 -16.68 -28.58 19.37
N LEU A 229 -15.90 -28.76 18.28
CA LEU A 229 -14.44 -28.57 18.30
C LEU A 229 -14.08 -27.14 18.70
N LEU A 230 -14.69 -26.13 18.06
CA LEU A 230 -14.42 -24.72 18.37
C LEU A 230 -14.78 -24.37 19.81
N GLU A 231 -15.92 -24.89 20.28
CA GLU A 231 -16.37 -24.70 21.67
C GLU A 231 -15.38 -25.30 22.68
N LYS A 232 -14.63 -26.37 22.28
CA LYS A 232 -13.62 -27.04 23.09
C LYS A 232 -12.21 -26.50 22.81
N ASP A 233 -12.15 -25.29 22.21
CA ASP A 233 -10.95 -24.49 21.94
C ASP A 233 -10.06 -24.94 20.80
N TYR A 234 -10.53 -25.87 19.97
CA TYR A 234 -9.73 -26.26 18.81
C TYR A 234 -9.71 -25.10 17.83
N ARG A 235 -8.60 -24.89 17.13
CA ARG A 235 -8.55 -23.91 16.06
C ARG A 235 -7.66 -24.50 14.94
N MET A 236 -7.89 -24.11 13.69
CA MET A 236 -7.00 -24.53 12.60
C MET A 236 -5.55 -24.25 12.95
N GLU A 237 -4.68 -25.19 12.60
CA GLU A 237 -3.25 -25.02 12.84
C GLU A 237 -2.65 -23.95 11.91
N ARG A 238 -1.49 -23.43 12.30
CA ARG A 238 -0.80 -22.43 11.49
C ARG A 238 -0.43 -23.01 10.11
N PRO A 239 -0.88 -22.40 8.96
CA PRO A 239 -0.50 -22.97 7.65
C PRO A 239 1.01 -23.05 7.48
N GLU A 240 1.47 -24.01 6.67
CA GLU A 240 2.88 -24.18 6.38
C GLU A 240 3.41 -22.89 5.71
N GLY A 241 4.47 -22.33 6.29
CA GLY A 241 5.13 -21.11 5.82
C GLY A 241 4.49 -19.84 6.31
N CYS A 242 3.39 -19.95 7.08
CA CYS A 242 2.71 -18.77 7.59
C CYS A 242 3.52 -18.06 8.64
N PRO A 243 3.77 -16.75 8.48
CA PRO A 243 4.50 -16.02 9.53
C PRO A 243 3.71 -16.07 10.84
N GLU A 244 4.41 -16.18 11.97
CA GLU A 244 3.78 -16.26 13.28
C GLU A 244 2.87 -15.08 13.60
N LYS A 245 3.28 -13.86 13.22
CA LYS A 245 2.48 -12.66 13.43
C LYS A 245 1.15 -12.69 12.69
N VAL A 246 1.13 -13.29 11.48
CA VAL A 246 -0.09 -13.42 10.69
C VAL A 246 -1.02 -14.44 11.36
N TYR A 247 -0.48 -15.58 11.82
CA TYR A 247 -1.29 -16.63 12.50
C TYR A 247 -1.86 -16.10 13.84
N GLU A 248 -1.08 -15.27 14.54
CA GLU A 248 -1.51 -14.60 15.77
C GLU A 248 -2.74 -13.74 15.49
N LEU A 249 -2.75 -13.08 14.32
CA LEU A 249 -3.87 -12.25 13.88
C LEU A 249 -5.09 -13.14 13.58
N MET A 250 -4.89 -14.31 12.94
CA MET A 250 -6.02 -15.25 12.68
C MET A 250 -6.61 -15.68 14.03
N ARG A 251 -5.75 -16.10 14.95
CA ARG A 251 -6.16 -16.56 16.29
C ARG A 251 -6.93 -15.49 17.06
N ALA A 252 -6.56 -14.22 16.87
CA ALA A 252 -7.27 -13.09 17.49
C ALA A 252 -8.67 -12.97 16.88
N CYS A 253 -8.79 -13.19 15.53
CA CYS A 253 -10.09 -13.15 14.83
C CYS A 253 -10.98 -14.25 15.34
N TRP A 254 -10.37 -15.37 15.79
CA TRP A 254 -11.12 -16.53 16.25
C TRP A 254 -11.29 -16.65 17.77
N GLN A 255 -11.32 -15.52 18.47
CA GLN A 255 -11.65 -15.56 19.90
C GLN A 255 -13.13 -15.99 20.02
N TRP A 256 -13.40 -16.88 20.98
CA TRP A 256 -14.75 -17.35 21.23
C TRP A 256 -15.70 -16.19 21.54
N ASN A 257 -15.27 -15.25 22.39
CA ASN A 257 -16.10 -14.08 22.74
C ASN A 257 -15.99 -13.05 21.61
N PRO A 258 -17.10 -12.68 20.95
CA PRO A 258 -17.02 -11.68 19.85
C PRO A 258 -16.35 -10.37 20.26
N SER A 259 -16.59 -9.90 21.51
CA SER A 259 -15.99 -8.68 22.05
C SER A 259 -14.50 -8.74 22.17
N ASP A 260 -13.90 -9.95 22.29
CA ASP A 260 -12.45 -10.13 22.36
C ASP A 260 -11.74 -10.06 21.00
N ARG A 261 -12.49 -10.14 19.90
CA ARG A 261 -11.89 -10.10 18.56
C ARG A 261 -11.49 -8.66 18.24
N PRO A 262 -10.40 -8.44 17.45
CA PRO A 262 -10.04 -7.05 17.11
C PRO A 262 -11.09 -6.42 16.21
N SER A 263 -11.12 -5.08 16.14
CA SER A 263 -12.00 -4.41 15.20
C SER A 263 -11.24 -4.47 13.82
N PHE A 264 -11.91 -4.20 12.69
CA PHE A 264 -11.19 -4.16 11.38
C PHE A 264 -10.20 -3.01 11.30
N ALA A 265 -10.45 -1.90 12.03
CA ALA A 265 -9.51 -0.76 12.10
C ALA A 265 -8.19 -1.27 12.73
N GLU A 266 -8.29 -2.07 13.82
CA GLU A 266 -7.10 -2.65 14.49
C GLU A 266 -6.39 -3.68 13.59
N ILE A 267 -7.16 -4.50 12.86
CA ILE A 267 -6.61 -5.50 11.92
C ILE A 267 -5.89 -4.76 10.82
N HIS A 268 -6.52 -3.73 10.25
CA HIS A 268 -5.88 -2.99 9.18
C HIS A 268 -4.62 -2.34 9.67
N GLN A 269 -4.67 -1.71 10.88
CA GLN A 269 -3.46 -1.10 11.46
C GLN A 269 -2.36 -2.16 11.68
N ALA A 270 -2.74 -3.39 12.14
CA ALA A 270 -1.78 -4.47 12.34
C ALA A 270 -1.06 -4.90 11.03
N PHE A 271 -1.78 -4.97 9.89
CA PHE A 271 -1.12 -5.32 8.63
C PHE A 271 -0.07 -4.30 8.21
N GLU A 272 -0.35 -3.00 8.43
CA GLU A 272 0.53 -1.87 8.09
C GLU A 272 1.81 -1.87 8.91
N THR A 273 1.69 -2.14 10.19
CA THR A 273 2.77 -2.14 11.18
C THR A 273 3.60 -3.42 11.15
N MET A 274 2.93 -4.59 11.04
CA MET A 274 3.52 -5.93 11.08
C MET A 274 4.81 -6.06 10.27
N PHE A 275 4.82 -5.54 9.04
CA PHE A 275 5.98 -5.66 8.14
C PHE A 275 6.54 -4.30 7.63
N GLN A 276 6.37 -3.26 8.46
CA GLN A 276 6.87 -1.90 8.19
C GLN A 276 8.40 -1.91 8.08
N GLU A 277 9.09 -2.71 8.93
CA GLU A 277 10.55 -2.84 8.95
C GLU A 277 11.04 -4.19 8.40
N SER A 278 10.40 -5.30 8.81
CA SER A 278 10.76 -6.66 8.39
C SER A 278 10.08 -7.04 7.06
N SER A 279 10.63 -8.06 6.38
CA SER A 279 10.08 -8.53 5.10
C SER A 279 9.23 -9.76 5.33
N ILE A 280 8.04 -9.77 4.74
CA ILE A 280 7.17 -10.96 4.88
C ILE A 280 7.82 -12.16 4.17
N SER A 281 8.51 -11.91 3.02
CA SER A 281 9.25 -12.88 2.23
C SER A 281 10.29 -13.59 3.11
N ASP A 282 11.04 -12.84 3.95
CA ASP A 282 12.03 -13.40 4.88
C ASP A 282 11.37 -14.26 5.96
N GLU A 283 10.23 -13.78 6.51
CA GLU A 283 9.48 -14.52 7.55
C GLU A 283 8.93 -15.84 7.03
N VAL A 284 8.43 -15.83 5.78
CA VAL A 284 7.88 -17.04 5.16
C VAL A 284 9.03 -18.05 4.94
N GLU A 285 10.16 -17.58 4.37
CA GLU A 285 11.34 -18.40 4.08
C GLU A 285 11.85 -19.01 5.39
N LYS A 286 11.95 -18.20 6.47
CA LYS A 286 12.34 -18.65 7.80
C LYS A 286 11.39 -19.76 8.31
N GLU A 287 10.06 -19.57 8.18
CA GLU A 287 9.07 -20.54 8.64
C GLU A 287 9.16 -21.83 7.86
N LEU A 288 9.26 -21.76 6.52
CA LEU A 288 9.39 -22.95 5.69
C LEU A 288 10.74 -23.60 6.00
N MET B 3 37.05 -14.13 2.68
CA MET B 3 37.32 -14.45 4.08
C MET B 3 36.54 -15.67 4.59
N ASP B 4 37.13 -16.38 5.58
CA ASP B 4 36.57 -17.58 6.17
C ASP B 4 35.66 -17.27 7.35
N PRO B 5 34.50 -17.96 7.45
CA PRO B 5 33.60 -17.79 8.61
C PRO B 5 34.21 -17.94 10.01
N SER B 6 35.16 -18.89 10.17
N SER B 6 35.16 -18.89 10.19
CA SER B 6 35.82 -19.21 11.45
CA SER B 6 35.77 -19.15 11.51
C SER B 6 36.71 -18.09 11.99
C SER B 6 36.71 -18.06 12.01
N SER B 7 37.33 -17.30 11.09
CA SER B 7 38.23 -16.20 11.43
C SER B 7 37.54 -15.13 12.33
N PRO B 8 38.22 -14.68 13.43
CA PRO B 8 37.60 -13.63 14.27
C PRO B 8 37.62 -12.26 13.57
N ASN B 9 38.21 -12.23 12.37
CA ASN B 9 38.32 -11.07 11.50
C ASN B 9 37.21 -11.06 10.43
N TYR B 10 36.28 -12.05 10.48
CA TYR B 10 35.19 -12.21 9.49
C TYR B 10 34.24 -11.02 9.43
N ASP B 11 33.90 -10.64 8.20
CA ASP B 11 32.94 -9.59 7.89
C ASP B 11 32.10 -10.10 6.71
N LYS B 12 30.83 -10.47 6.98
CA LYS B 12 29.86 -10.97 5.97
C LYS B 12 29.68 -10.10 4.74
N TRP B 13 29.81 -8.78 4.89
CA TRP B 13 29.63 -7.79 3.83
C TRP B 13 30.78 -7.76 2.82
N GLU B 14 32.00 -8.13 3.27
CA GLU B 14 33.19 -8.13 2.41
C GLU B 14 33.00 -9.10 1.27
N MET B 15 33.11 -8.57 0.05
CA MET B 15 32.90 -9.30 -1.19
C MET B 15 34.15 -9.37 -2.06
N GLU B 16 34.14 -10.31 -3.01
CA GLU B 16 35.19 -10.50 -3.99
C GLU B 16 34.94 -9.53 -5.14
N ARG B 17 35.87 -8.57 -5.33
CA ARG B 17 35.89 -7.54 -6.38
C ARG B 17 35.66 -8.15 -7.77
N THR B 18 36.24 -9.35 -7.98
CA THR B 18 36.20 -10.20 -9.17
C THR B 18 34.74 -10.49 -9.60
N ASP B 19 33.85 -10.77 -8.61
CA ASP B 19 32.42 -11.06 -8.80
C ASP B 19 31.63 -9.94 -9.48
N ILE B 20 32.13 -8.69 -9.42
CA ILE B 20 31.46 -7.52 -9.99
C ILE B 20 32.04 -7.09 -11.35
N THR B 21 31.17 -7.10 -12.38
CA THR B 21 31.51 -6.67 -13.73
C THR B 21 31.25 -5.16 -13.75
N MET B 22 32.32 -4.34 -13.74
CA MET B 22 32.19 -2.89 -13.75
C MET B 22 31.85 -2.33 -15.14
N LYS B 23 30.67 -1.70 -15.25
CA LYS B 23 30.21 -1.05 -16.48
C LYS B 23 30.58 0.44 -16.36
N HIS B 24 29.67 1.39 -16.72
CA HIS B 24 30.03 2.80 -16.61
C HIS B 24 29.19 3.64 -15.64
N LYS B 25 29.65 4.89 -15.36
CA LYS B 25 29.07 5.92 -14.50
C LYS B 25 27.57 6.08 -14.66
N LEU B 26 26.87 6.27 -13.53
CA LEU B 26 25.43 6.50 -13.51
C LEU B 26 25.18 8.01 -13.63
N GLY B 27 24.37 8.38 -14.62
CA GLY B 27 24.02 9.77 -14.91
C GLY B 27 25.14 10.64 -15.42
N GLY B 28 26.14 10.02 -16.04
CA GLY B 28 27.31 10.71 -16.62
C GLY B 28 28.17 11.51 -15.67
N GLY B 29 28.07 11.23 -14.36
CA GLY B 29 28.85 11.92 -13.34
C GLY B 29 28.06 12.70 -12.32
N GLN B 30 26.71 12.64 -12.40
CA GLN B 30 25.75 13.31 -11.51
C GLN B 30 25.88 12.83 -10.04
N TYR B 31 26.24 11.55 -9.84
CA TYR B 31 26.40 10.95 -8.50
C TYR B 31 27.86 10.80 -8.11
N GLY B 32 28.76 11.36 -8.93
CA GLY B 32 30.18 11.23 -8.72
C GLY B 32 30.62 9.84 -9.13
N GLU B 33 31.52 9.23 -8.33
CA GLU B 33 32.08 7.90 -8.59
C GLU B 33 31.15 6.73 -8.26
N VAL B 34 30.00 6.66 -8.97
CA VAL B 34 29.01 5.58 -8.82
C VAL B 34 28.81 4.99 -10.20
N TYR B 35 29.19 3.72 -10.34
CA TYR B 35 29.13 3.01 -11.59
C TYR B 35 28.08 1.93 -11.59
N GLU B 36 27.54 1.63 -12.77
CA GLU B 36 26.61 0.54 -12.97
C GLU B 36 27.48 -0.73 -12.91
N GLY B 37 27.00 -1.75 -12.22
CA GLY B 37 27.71 -3.01 -12.10
C GLY B 37 26.85 -4.22 -12.36
N VAL B 38 27.47 -5.41 -12.43
CA VAL B 38 26.78 -6.70 -12.62
C VAL B 38 27.29 -7.71 -11.58
N TRP B 39 26.39 -8.23 -10.73
CA TRP B 39 26.74 -9.26 -9.76
C TRP B 39 26.56 -10.60 -10.50
N LYS B 40 27.68 -11.14 -11.02
CA LYS B 40 27.81 -12.37 -11.82
C LYS B 40 26.99 -13.58 -11.35
N LYS B 41 27.09 -13.94 -10.06
CA LYS B 41 26.39 -15.07 -9.44
C LYS B 41 24.87 -14.98 -9.51
N TYR B 42 24.32 -13.75 -9.51
CA TYR B 42 22.87 -13.50 -9.53
C TYR B 42 22.35 -12.88 -10.82
N SER B 43 23.25 -12.47 -11.76
CA SER B 43 22.92 -11.79 -13.03
C SER B 43 22.03 -10.55 -12.76
N LEU B 44 22.29 -9.89 -11.61
CA LEU B 44 21.57 -8.74 -11.08
C LEU B 44 22.39 -7.47 -11.29
N THR B 45 21.74 -6.38 -11.77
CA THR B 45 22.37 -5.07 -11.96
C THR B 45 22.52 -4.40 -10.59
N VAL B 46 23.71 -3.88 -10.32
CA VAL B 46 24.01 -3.23 -9.04
C VAL B 46 24.53 -1.80 -9.22
N ALA B 47 24.49 -1.01 -8.13
CA ALA B 47 25.08 0.32 -8.12
C ALA B 47 26.37 0.18 -7.29
N VAL B 48 27.49 0.68 -7.82
CA VAL B 48 28.77 0.54 -7.13
C VAL B 48 29.40 1.89 -6.88
N LYS B 49 29.60 2.26 -5.60
CA LYS B 49 30.30 3.50 -5.27
C LYS B 49 31.75 3.16 -5.03
N THR B 50 32.65 3.81 -5.78
CA THR B 50 34.09 3.58 -5.68
C THR B 50 34.84 4.81 -5.17
N LEU B 51 36.11 4.62 -4.82
CA LEU B 51 36.99 5.69 -4.36
C LEU B 51 38.22 5.76 -5.29
N LYS B 52 38.56 6.99 -5.77
CA LYS B 52 39.66 7.31 -6.71
C LYS B 52 40.94 6.50 -6.55
N MET B 56 42.01 11.62 0.51
CA MET B 56 41.68 12.29 1.76
C MET B 56 40.25 11.96 2.25
N GLU B 57 39.47 11.22 1.44
CA GLU B 57 38.07 10.84 1.73
C GLU B 57 37.88 9.36 2.12
N VAL B 58 38.98 8.62 2.43
CA VAL B 58 39.00 7.21 2.84
C VAL B 58 38.22 6.96 4.14
N GLU B 59 38.53 7.71 5.22
CA GLU B 59 37.87 7.54 6.51
C GLU B 59 36.35 7.74 6.47
N GLU B 60 35.85 8.76 5.73
CA GLU B 60 34.41 9.01 5.59
C GLU B 60 33.72 7.99 4.69
N PHE B 61 34.42 7.50 3.65
CA PHE B 61 33.93 6.44 2.76
C PHE B 61 33.76 5.18 3.59
N LEU B 62 34.70 4.92 4.54
CA LEU B 62 34.64 3.77 5.45
C LEU B 62 33.58 3.94 6.50
N LYS B 63 33.38 5.19 6.96
CA LYS B 63 32.32 5.52 7.95
C LYS B 63 30.93 5.32 7.29
N GLU B 64 30.80 5.67 6.00
CA GLU B 64 29.54 5.47 5.26
C GLU B 64 29.21 3.98 5.17
N ALA B 65 30.19 3.13 4.83
CA ALA B 65 30.06 1.68 4.76
C ALA B 65 29.65 1.09 6.14
N ALA B 66 30.23 1.60 7.25
CA ALA B 66 29.88 1.15 8.62
C ALA B 66 28.45 1.57 9.02
N VAL B 67 28.01 2.78 8.60
CA VAL B 67 26.65 3.27 8.84
C VAL B 67 25.65 2.35 8.09
N MET B 68 25.94 2.05 6.84
CA MET B 68 25.10 1.23 5.97
C MET B 68 24.89 -0.24 6.42
N LYS B 69 25.87 -0.77 7.17
CA LYS B 69 25.81 -2.12 7.73
C LYS B 69 24.81 -2.14 8.90
N GLU B 70 24.54 -0.96 9.51
CA GLU B 70 23.65 -0.80 10.69
C GLU B 70 22.19 -0.48 10.34
N ILE B 71 21.89 -0.18 9.09
CA ILE B 71 20.54 0.18 8.69
C ILE B 71 19.93 -0.78 7.69
N LYS B 72 18.68 -1.18 7.95
CA LYS B 72 17.92 -2.09 7.10
C LYS B 72 16.46 -1.72 7.25
N HIS B 73 15.86 -1.31 6.14
CA HIS B 73 14.46 -0.90 6.07
C HIS B 73 14.00 -1.07 4.64
N PRO B 74 12.74 -1.51 4.40
CA PRO B 74 12.26 -1.63 3.01
C PRO B 74 12.32 -0.32 2.20
N ASN B 75 12.28 0.85 2.87
CA ASN B 75 12.34 2.16 2.21
C ASN B 75 13.70 2.89 2.28
N LEU B 76 14.78 2.12 2.54
CA LEU B 76 16.15 2.64 2.54
C LEU B 76 16.93 1.83 1.53
N VAL B 77 17.76 2.49 0.73
CA VAL B 77 18.56 1.80 -0.29
C VAL B 77 19.39 0.71 0.42
N GLN B 78 19.31 -0.52 -0.10
CA GLN B 78 19.95 -1.64 0.59
C GLN B 78 21.39 -1.90 0.19
N LEU B 79 22.25 -1.87 1.19
CA LEU B 79 23.66 -2.23 1.05
C LEU B 79 23.67 -3.75 0.75
N LEU B 80 24.41 -4.16 -0.27
CA LEU B 80 24.51 -5.57 -0.66
C LEU B 80 25.85 -6.16 -0.28
N GLY B 81 26.88 -5.32 -0.36
CA GLY B 81 28.24 -5.72 -0.06
C GLY B 81 29.21 -4.56 -0.12
N VAL B 82 30.44 -4.84 0.29
CA VAL B 82 31.54 -3.88 0.31
C VAL B 82 32.83 -4.60 -0.19
N CYS B 83 33.85 -3.82 -0.56
CA CYS B 83 35.21 -4.29 -0.89
C CYS B 83 36.09 -3.26 -0.23
N THR B 84 36.35 -3.41 1.07
CA THR B 84 37.12 -2.41 1.81
C THR B 84 38.42 -2.96 2.41
N ARG B 85 38.97 -4.02 1.81
CA ARG B 85 40.23 -4.62 2.25
C ARG B 85 41.38 -3.97 1.47
N GLU B 86 41.21 -3.81 0.14
CA GLU B 86 42.21 -3.24 -0.76
C GLU B 86 41.61 -2.18 -1.71
N PRO B 87 42.40 -1.18 -2.19
CA PRO B 87 41.85 -0.22 -3.16
C PRO B 87 41.67 -0.90 -4.53
N PRO B 88 40.72 -0.45 -5.38
CA PRO B 88 39.74 0.61 -5.16
C PRO B 88 38.60 0.13 -4.24
N PHE B 89 38.29 0.90 -3.17
CA PHE B 89 37.22 0.57 -2.21
C PHE B 89 35.83 0.65 -2.89
N TYR B 90 34.96 -0.36 -2.66
CA TYR B 90 33.62 -0.44 -3.23
C TYR B 90 32.54 -0.44 -2.16
N ILE B 91 31.42 0.28 -2.41
CA ILE B 91 30.18 0.21 -1.65
C ILE B 91 29.17 -0.23 -2.71
N ILE B 92 28.61 -1.42 -2.55
CA ILE B 92 27.68 -1.99 -3.52
C ILE B 92 26.25 -1.98 -2.99
N THR B 93 25.32 -1.34 -3.73
CA THR B 93 23.91 -1.35 -3.34
C THR B 93 23.04 -1.95 -4.44
N GLU B 94 21.75 -2.15 -4.12
CA GLU B 94 20.75 -2.56 -5.09
C GLU B 94 20.59 -1.41 -6.14
N PHE B 95 20.26 -1.77 -7.38
CA PHE B 95 20.02 -0.81 -8.45
C PHE B 95 18.49 -0.57 -8.51
N MET B 96 18.08 0.69 -8.68
CA MET B 96 16.66 1.05 -8.74
C MET B 96 16.36 1.54 -10.16
N THR B 97 15.60 0.71 -10.89
CA THR B 97 15.22 0.89 -12.31
C THR B 97 14.92 2.30 -12.77
N TYR B 98 14.02 3.01 -12.06
CA TYR B 98 13.60 4.35 -12.48
C TYR B 98 14.41 5.55 -12.01
N GLY B 99 15.53 5.30 -11.34
CA GLY B 99 16.46 6.32 -10.88
C GLY B 99 15.92 7.29 -9.84
N ASN B 100 16.51 8.49 -9.77
CA ASN B 100 16.14 9.50 -8.78
C ASN B 100 14.70 9.99 -8.86
N LEU B 101 14.11 10.30 -7.71
CA LEU B 101 12.72 10.72 -7.60
C LEU B 101 12.47 12.09 -8.23
N LEU B 102 13.40 13.05 -8.11
CA LEU B 102 13.19 14.37 -8.71
C LEU B 102 12.95 14.26 -10.26
N ASP B 103 13.85 13.56 -10.97
CA ASP B 103 13.72 13.38 -12.43
C ASP B 103 12.52 12.52 -12.77
N TYR B 104 12.21 11.53 -11.92
CA TYR B 104 11.06 10.66 -12.13
C TYR B 104 9.74 11.45 -12.16
N LEU B 105 9.46 12.22 -11.09
CA LEU B 105 8.25 13.07 -10.95
C LEU B 105 8.09 14.02 -12.14
N ARG B 106 9.19 14.65 -12.57
CA ARG B 106 9.25 15.59 -13.70
C ARG B 106 8.96 14.95 -15.07
N GLU B 107 9.52 13.76 -15.32
CA GLU B 107 9.41 13.04 -16.60
C GLU B 107 8.27 12.06 -16.68
N CYS B 108 7.61 11.75 -15.54
CA CYS B 108 6.55 10.76 -15.53
C CYS B 108 5.31 11.12 -16.31
N ASN B 109 4.53 10.08 -16.63
CA ASN B 109 3.25 10.17 -17.31
C ASN B 109 2.28 10.24 -16.13
N ARG B 110 1.61 11.39 -15.97
CA ARG B 110 0.75 11.70 -14.83
C ARG B 110 -0.54 10.90 -14.60
N GLN B 111 -1.08 10.21 -15.64
CA GLN B 111 -2.29 9.38 -15.46
C GLN B 111 -1.90 8.11 -14.68
N GLU B 112 -0.66 7.64 -14.87
CA GLU B 112 -0.06 6.49 -14.19
C GLU B 112 0.37 6.90 -12.76
N VAL B 113 1.11 8.01 -12.64
CA VAL B 113 1.57 8.53 -11.35
C VAL B 113 0.54 9.56 -10.84
N SER B 114 -0.57 9.02 -10.33
CA SER B 114 -1.71 9.80 -9.83
C SER B 114 -1.53 10.26 -8.39
N ALA B 115 -2.55 10.95 -7.84
CA ALA B 115 -2.57 11.44 -6.47
C ALA B 115 -2.41 10.31 -5.46
N VAL B 116 -2.99 9.11 -5.72
CA VAL B 116 -2.84 7.95 -4.82
C VAL B 116 -1.39 7.49 -4.79
N VAL B 117 -0.74 7.52 -5.95
CA VAL B 117 0.65 7.12 -6.14
C VAL B 117 1.55 8.12 -5.39
N LEU B 118 1.34 9.46 -5.59
CA LEU B 118 2.08 10.52 -4.91
C LEU B 118 2.06 10.35 -3.42
N LEU B 119 0.89 10.01 -2.87
CA LEU B 119 0.70 9.74 -1.46
C LEU B 119 1.40 8.43 -1.05
N TYR B 120 1.48 7.43 -1.97
CA TYR B 120 2.13 6.17 -1.61
C TYR B 120 3.63 6.42 -1.47
N MET B 121 4.20 7.22 -2.36
CA MET B 121 5.61 7.64 -2.33
C MET B 121 5.94 8.44 -1.06
N ALA B 122 5.07 9.39 -0.68
CA ALA B 122 5.27 10.23 0.51
C ALA B 122 5.23 9.43 1.78
N THR B 123 4.31 8.42 1.86
CA THR B 123 4.13 7.57 3.03
C THR B 123 5.37 6.67 3.19
N GLN B 124 5.88 6.15 2.05
CA GLN B 124 7.08 5.30 1.97
C GLN B 124 8.32 6.06 2.48
N ILE B 125 8.45 7.38 2.16
CA ILE B 125 9.59 8.19 2.61
C ILE B 125 9.47 8.43 4.13
N SER B 126 8.26 8.77 4.61
CA SER B 126 8.04 9.00 6.03
C SER B 126 8.32 7.74 6.87
N SER B 127 8.11 6.55 6.30
CA SER B 127 8.35 5.25 7.00
C SER B 127 9.88 5.03 7.17
N ALA B 128 10.66 5.30 6.09
CA ALA B 128 12.12 5.24 6.10
C ALA B 128 12.62 6.18 7.17
N MET B 129 12.05 7.41 7.22
CA MET B 129 12.46 8.44 8.17
C MET B 129 12.04 8.14 9.62
N GLU B 130 10.88 7.52 9.82
CA GLU B 130 10.43 7.07 11.15
C GLU B 130 11.42 6.02 11.70
N TYR B 131 11.93 5.14 10.80
CA TYR B 131 12.94 4.11 11.13
C TYR B 131 14.25 4.82 11.56
N LEU B 132 14.76 5.79 10.74
CA LEU B 132 15.99 6.53 11.09
C LEU B 132 15.85 7.23 12.43
N GLU B 133 14.68 7.85 12.65
CA GLU B 133 14.31 8.55 13.88
C GLU B 133 14.39 7.59 15.10
N LYS B 134 13.79 6.39 15.00
CA LYS B 134 13.83 5.34 16.03
C LYS B 134 15.28 4.90 16.30
N LYS B 135 16.12 4.81 15.23
CA LYS B 135 17.52 4.38 15.36
C LYS B 135 18.49 5.48 15.80
N ASN B 136 17.97 6.70 16.09
CA ASN B 136 18.78 7.85 16.48
C ASN B 136 19.77 8.28 15.38
N PHE B 137 19.39 8.07 14.10
CA PHE B 137 20.17 8.54 12.97
C PHE B 137 19.51 9.82 12.47
N ILE B 138 20.27 10.67 11.80
CA ILE B 138 19.85 11.92 11.18
C ILE B 138 20.22 11.79 9.69
N HIS B 139 19.35 12.24 8.79
CA HIS B 139 19.69 12.14 7.38
C HIS B 139 20.65 13.26 6.98
N ARG B 140 20.26 14.52 7.24
CA ARG B 140 20.96 15.80 6.97
C ARG B 140 20.78 16.41 5.55
N ASP B 141 20.31 15.62 4.57
CA ASP B 141 20.11 16.12 3.20
C ASP B 141 18.92 15.42 2.47
N LEU B 142 17.78 15.44 3.12
CA LEU B 142 16.57 14.83 2.57
C LEU B 142 15.97 15.79 1.51
N ALA B 143 15.67 15.23 0.33
CA ALA B 143 15.16 15.93 -0.86
C ALA B 143 14.85 14.85 -1.90
N ALA B 144 14.01 15.17 -2.89
CA ALA B 144 13.61 14.24 -3.98
C ALA B 144 14.82 13.78 -4.78
N ARG B 145 15.85 14.64 -4.95
CA ARG B 145 17.10 14.28 -5.64
C ARG B 145 17.84 13.14 -4.92
N ASN B 146 17.57 12.90 -3.60
CA ASN B 146 18.22 11.86 -2.81
C ASN B 146 17.35 10.61 -2.65
N CYS B 147 16.29 10.48 -3.43
CA CYS B 147 15.40 9.32 -3.34
C CYS B 147 15.44 8.54 -4.63
N LEU B 148 15.19 7.22 -4.55
CA LEU B 148 15.23 6.36 -5.73
C LEU B 148 13.88 5.68 -5.98
N VAL B 149 13.54 5.50 -7.25
CA VAL B 149 12.27 4.87 -7.67
C VAL B 149 12.60 3.50 -8.27
N GLY B 150 11.92 2.48 -7.77
CA GLY B 150 12.04 1.12 -8.28
C GLY B 150 10.75 0.66 -8.95
N GLU B 151 10.53 -0.66 -8.91
CA GLU B 151 9.34 -1.29 -9.50
C GLU B 151 8.12 -1.00 -8.65
N ASN B 152 6.95 -0.91 -9.29
CA ASN B 152 5.64 -0.70 -8.63
C ASN B 152 5.58 0.54 -7.72
N HIS B 153 6.23 1.65 -8.14
CA HIS B 153 6.25 2.92 -7.37
C HIS B 153 6.90 2.78 -5.98
N LEU B 154 7.85 1.81 -5.87
CA LEU B 154 8.63 1.55 -4.66
C LEU B 154 9.59 2.73 -4.56
N VAL B 155 9.68 3.31 -3.38
CA VAL B 155 10.55 4.49 -3.15
C VAL B 155 11.48 4.21 -1.99
N LYS B 156 12.76 4.52 -2.19
CA LYS B 156 13.76 4.36 -1.15
C LYS B 156 14.58 5.63 -0.97
N VAL B 157 14.80 6.02 0.29
CA VAL B 157 15.61 7.17 0.67
C VAL B 157 17.06 6.73 0.55
N ALA B 158 17.89 7.61 -0.04
CA ALA B 158 19.31 7.37 -0.19
C ALA B 158 20.06 8.62 0.27
N ASP B 159 21.38 8.61 0.16
CA ASP B 159 22.23 9.76 0.49
C ASP B 159 23.45 9.64 -0.43
N PHE B 160 23.46 10.43 -1.49
CA PHE B 160 24.47 10.41 -2.53
C PHE B 160 25.65 11.34 -2.32
N GLY B 161 25.63 12.10 -1.21
CA GLY B 161 26.65 13.10 -0.90
C GLY B 161 26.84 14.06 -2.07
N LEU B 162 25.73 14.69 -2.49
CA LEU B 162 25.66 15.59 -3.65
C LEU B 162 26.26 17.01 -3.51
N SER B 163 26.39 17.53 -2.26
CA SER B 163 26.88 18.89 -1.95
C SER B 163 27.97 19.48 -2.85
N ARG B 164 29.04 18.70 -3.11
CA ARG B 164 30.14 19.17 -3.99
C ARG B 164 30.04 18.64 -5.42
N LEU B 165 29.41 17.45 -5.63
CA LEU B 165 29.23 16.80 -6.94
C LEU B 165 28.22 17.53 -7.83
N MET B 166 27.04 17.89 -7.27
CA MET B 166 25.99 18.59 -8.00
C MET B 166 26.46 20.00 -8.39
N THR B 167 26.49 20.25 -9.71
CA THR B 167 26.92 21.54 -10.27
C THR B 167 25.71 22.33 -10.75
N GLY B 168 25.32 23.31 -9.93
CA GLY B 168 24.20 24.19 -10.19
C GLY B 168 23.91 25.13 -9.03
N ASP B 169 22.62 25.46 -8.86
CA ASP B 169 22.14 26.38 -7.83
C ASP B 169 21.65 25.66 -6.56
N THR B 170 21.32 24.34 -6.66
CA THR B 170 20.83 23.52 -5.54
C THR B 170 21.70 23.69 -4.27
N TYR B 171 23.02 23.43 -4.38
CA TYR B 171 23.96 23.58 -3.27
C TYR B 171 24.85 24.79 -3.55
N THR B 172 24.88 25.74 -2.61
CA THR B 172 25.72 26.95 -2.69
C THR B 172 26.53 27.07 -1.39
N ALA B 173 27.64 27.86 -1.44
CA ALA B 173 28.54 28.08 -0.30
C ALA B 173 27.80 28.68 0.89
N HIS B 174 27.99 28.08 2.08
CA HIS B 174 27.40 28.49 3.36
C HIS B 174 28.14 27.79 4.49
N ALA B 175 28.67 28.59 5.44
CA ALA B 175 29.43 28.14 6.63
C ALA B 175 30.56 27.11 6.36
N GLY B 176 31.39 27.41 5.35
CA GLY B 176 32.53 26.58 4.97
C GLY B 176 32.25 25.46 3.98
N ALA B 177 31.03 24.92 4.00
CA ALA B 177 30.61 23.84 3.09
C ALA B 177 29.60 24.37 2.05
N LYS B 178 28.88 23.44 1.38
CA LYS B 178 27.84 23.73 0.40
C LYS B 178 26.51 23.24 0.96
N PHE B 179 25.48 24.12 1.00
CA PHE B 179 24.17 23.79 1.57
C PHE B 179 23.02 23.85 0.54
N PRO B 180 22.05 22.91 0.58
CA PRO B 180 20.85 23.07 -0.29
C PRO B 180 19.90 24.01 0.48
N ILE B 181 20.19 25.36 0.42
CA ILE B 181 19.49 26.39 1.18
C ILE B 181 17.97 26.17 1.31
N LYS B 182 17.30 25.93 0.18
CA LYS B 182 15.83 25.80 0.16
C LYS B 182 15.21 24.63 0.91
N TRP B 183 16.03 23.61 1.26
CA TRP B 183 15.56 22.43 2.01
C TRP B 183 16.04 22.49 3.46
N THR B 184 16.92 23.48 3.82
CA THR B 184 17.55 23.61 5.15
C THR B 184 16.70 24.32 6.21
N ALA B 185 16.49 23.66 7.38
CA ALA B 185 15.77 24.28 8.51
C ALA B 185 16.49 25.58 8.97
N PRO B 186 15.75 26.57 9.53
CA PRO B 186 16.38 27.83 9.95
C PRO B 186 17.50 27.71 10.99
N GLU B 187 17.37 26.80 11.97
CA GLU B 187 18.43 26.57 12.97
C GLU B 187 19.71 25.99 12.31
N SER B 188 19.55 25.17 11.23
CA SER B 188 20.67 24.58 10.48
C SER B 188 21.37 25.65 9.64
N LEU B 189 20.60 26.59 9.01
CA LEU B 189 21.20 27.71 8.27
C LEU B 189 21.93 28.68 9.25
N ALA B 190 21.25 29.09 10.33
CA ALA B 190 21.75 30.08 11.30
C ALA B 190 22.86 29.60 12.25
N TYR B 191 22.72 28.41 12.86
CA TYR B 191 23.66 27.90 13.86
C TYR B 191 24.29 26.55 13.54
N ASN B 192 24.14 26.06 12.29
CA ASN B 192 24.65 24.75 11.84
C ASN B 192 24.20 23.59 12.78
N LYS B 193 22.98 23.72 13.32
CA LYS B 193 22.36 22.74 14.20
C LYS B 193 21.48 21.78 13.39
N PHE B 194 21.88 20.49 13.33
CA PHE B 194 21.16 19.45 12.59
C PHE B 194 20.62 18.38 13.54
N SER B 195 19.37 17.98 13.33
CA SER B 195 18.71 16.96 14.13
C SER B 195 17.64 16.30 13.28
N ILE B 196 16.90 15.36 13.89
CA ILE B 196 15.79 14.72 13.22
C ILE B 196 14.70 15.77 12.88
N LYS B 197 14.59 16.83 13.70
CA LYS B 197 13.63 17.92 13.51
C LYS B 197 14.01 18.76 12.29
N SER B 198 15.30 18.83 11.96
CA SER B 198 15.72 19.56 10.76
C SER B 198 15.45 18.66 9.55
N ASP B 199 15.49 17.32 9.75
CA ASP B 199 15.06 16.37 8.71
C ASP B 199 13.55 16.49 8.47
N VAL B 200 12.75 16.73 9.53
CA VAL B 200 11.29 16.93 9.38
C VAL B 200 11.01 18.20 8.52
N TRP B 201 11.79 19.26 8.71
CA TRP B 201 11.65 20.49 7.88
C TRP B 201 11.90 20.13 6.40
N ALA B 202 13.01 19.42 6.12
CA ALA B 202 13.39 19.02 4.76
C ALA B 202 12.32 18.09 4.18
N PHE B 203 11.71 17.21 5.03
CA PHE B 203 10.61 16.36 4.53
C PHE B 203 9.42 17.20 3.99
N GLY B 204 9.09 18.29 4.68
CA GLY B 204 8.04 19.21 4.26
C GLY B 204 8.31 19.79 2.89
N VAL B 205 9.59 20.18 2.63
CA VAL B 205 10.02 20.68 1.33
C VAL B 205 9.91 19.54 0.30
N LEU B 206 10.37 18.32 0.70
CA LEU B 206 10.28 17.15 -0.17
C LEU B 206 8.78 16.86 -0.50
N LEU B 207 7.88 16.98 0.48
CA LEU B 207 6.43 16.80 0.31
C LEU B 207 5.87 17.81 -0.74
N TRP B 208 6.36 19.07 -0.70
CA TRP B 208 6.03 20.11 -1.67
C TRP B 208 6.55 19.72 -3.06
N GLU B 209 7.76 19.12 -3.14
CA GLU B 209 8.35 18.67 -4.43
C GLU B 209 7.44 17.55 -5.03
N ILE B 210 6.91 16.68 -4.17
CA ILE B 210 6.00 15.59 -4.57
C ILE B 210 4.69 16.21 -5.09
N ALA B 211 4.06 17.08 -4.28
CA ALA B 211 2.80 17.79 -4.59
C ALA B 211 2.83 18.62 -5.87
N THR B 212 4.01 18.93 -6.40
CA THR B 212 4.17 19.78 -7.59
C THR B 212 4.79 19.04 -8.76
N TYR B 213 4.99 17.72 -8.63
CA TYR B 213 5.63 16.90 -9.65
C TYR B 213 7.06 17.34 -9.87
N GLY B 214 7.73 17.70 -8.77
CA GLY B 214 9.15 18.04 -8.82
C GLY B 214 9.54 19.42 -9.24
N MET B 215 8.71 20.42 -8.92
CA MET B 215 9.04 21.81 -9.17
C MET B 215 10.09 22.24 -8.14
N SER B 216 10.89 23.25 -8.49
CA SER B 216 11.95 23.82 -7.66
C SER B 216 11.30 24.67 -6.56
N PRO B 217 11.66 24.48 -5.26
CA PRO B 217 10.98 25.23 -4.17
C PRO B 217 11.26 26.74 -4.15
N TYR B 218 10.40 27.54 -3.47
CA TYR B 218 10.45 29.02 -3.43
C TYR B 218 10.73 29.55 -4.87
N PRO B 219 9.82 29.25 -5.86
CA PRO B 219 10.08 29.67 -7.24
C PRO B 219 10.36 31.16 -7.40
N GLY B 220 11.45 31.47 -8.09
CA GLY B 220 11.91 32.83 -8.36
C GLY B 220 12.51 33.56 -7.18
N ILE B 221 12.56 32.92 -6.00
CA ILE B 221 13.07 33.57 -4.80
C ILE B 221 14.56 33.45 -4.61
N ASP B 222 15.18 34.63 -4.52
CA ASP B 222 16.58 34.91 -4.25
C ASP B 222 17.01 34.08 -3.02
N LEU B 223 17.95 33.13 -3.21
CA LEU B 223 18.48 32.24 -2.16
C LEU B 223 18.90 33.00 -0.89
N SER B 224 19.46 34.21 -1.06
CA SER B 224 19.91 35.08 0.03
C SER B 224 18.76 35.76 0.77
N GLN B 225 17.49 35.59 0.30
CA GLN B 225 16.34 36.20 0.97
C GLN B 225 15.50 35.16 1.66
N VAL B 226 15.84 33.87 1.47
CA VAL B 226 15.05 32.77 2.03
C VAL B 226 14.97 32.77 3.56
N TYR B 227 16.14 32.80 4.26
CA TYR B 227 16.14 32.81 5.74
C TYR B 227 15.33 33.97 6.29
N GLU B 228 15.51 35.18 5.74
CA GLU B 228 14.78 36.41 6.15
C GLU B 228 13.27 36.23 6.07
N LEU B 229 12.78 35.68 4.94
CA LEU B 229 11.37 35.42 4.72
C LEU B 229 10.83 34.46 5.73
N LEU B 230 11.58 33.37 6.00
CA LEU B 230 11.16 32.33 6.94
C LEU B 230 11.01 32.87 8.35
N GLU B 231 11.96 33.75 8.75
CA GLU B 231 12.00 34.42 10.06
C GLU B 231 10.82 35.38 10.19
N LYS B 232 10.31 35.92 9.04
CA LYS B 232 9.12 36.78 9.03
C LYS B 232 7.83 35.99 8.82
N ASP B 233 7.89 34.65 8.96
CA ASP B 233 6.74 33.75 8.88
C ASP B 233 6.18 33.47 7.51
N TYR B 234 6.96 33.77 6.45
CA TYR B 234 6.55 33.42 5.10
C TYR B 234 6.83 31.90 4.95
N ARG B 235 5.96 31.20 4.25
CA ARG B 235 6.12 29.78 3.90
C ARG B 235 5.55 29.67 2.51
N MET B 236 5.96 28.65 1.72
CA MET B 236 5.41 28.42 0.38
C MET B 236 3.90 28.23 0.46
N GLU B 237 3.17 28.73 -0.56
CA GLU B 237 1.72 28.59 -0.63
C GLU B 237 1.37 27.14 -0.94
N ARG B 238 0.12 26.80 -0.69
CA ARG B 238 -0.43 25.48 -0.99
C ARG B 238 -0.30 25.25 -2.50
N PRO B 239 0.40 24.18 -2.93
CA PRO B 239 0.52 23.92 -4.37
C PRO B 239 -0.86 23.75 -5.04
N GLU B 240 -0.92 23.92 -6.36
CA GLU B 240 -2.16 23.80 -7.12
C GLU B 240 -2.65 22.35 -7.07
N GLY B 241 -3.88 22.17 -6.59
CA GLY B 241 -4.52 20.88 -6.46
C GLY B 241 -4.21 20.12 -5.19
N CYS B 242 -3.34 20.66 -4.33
CA CYS B 242 -2.95 20.02 -3.08
C CYS B 242 -4.06 20.00 -2.00
N PRO B 243 -4.40 18.80 -1.47
CA PRO B 243 -5.40 18.73 -0.40
C PRO B 243 -5.00 19.54 0.82
N GLU B 244 -5.98 20.11 1.53
CA GLU B 244 -5.74 20.93 2.70
C GLU B 244 -5.00 20.18 3.82
N LYS B 245 -5.27 18.89 3.98
CA LYS B 245 -4.67 18.05 5.01
C LYS B 245 -3.17 17.80 4.79
N VAL B 246 -2.76 17.62 3.52
CA VAL B 246 -1.37 17.45 3.10
C VAL B 246 -0.63 18.78 3.34
N TYR B 247 -1.27 19.92 2.98
CA TYR B 247 -0.65 21.23 3.18
C TYR B 247 -0.54 21.57 4.65
N GLU B 248 -1.54 21.21 5.47
CA GLU B 248 -1.45 21.43 6.91
C GLU B 248 -0.25 20.65 7.45
N LEU B 249 0.01 19.44 6.88
CA LEU B 249 1.15 18.62 7.29
C LEU B 249 2.47 19.32 6.93
N MET B 250 2.60 19.85 5.69
CA MET B 250 3.80 20.61 5.28
C MET B 250 4.05 21.75 6.26
N ARG B 251 2.96 22.50 6.58
CA ARG B 251 3.04 23.66 7.46
C ARG B 251 3.49 23.31 8.86
N ALA B 252 3.13 22.13 9.36
CA ALA B 252 3.56 21.66 10.68
C ALA B 252 5.08 21.32 10.64
N CYS B 253 5.56 20.76 9.50
CA CYS B 253 6.97 20.42 9.24
C CYS B 253 7.78 21.70 9.24
N TRP B 254 7.15 22.82 8.84
CA TRP B 254 7.84 24.09 8.75
C TRP B 254 7.67 25.01 9.93
N GLN B 255 7.36 24.46 11.13
CA GLN B 255 7.29 25.26 12.36
C GLN B 255 8.68 25.80 12.64
N TRP B 256 8.75 27.09 12.99
CA TRP B 256 10.01 27.79 13.29
C TRP B 256 10.85 27.07 14.36
N ASN B 257 10.22 26.74 15.49
CA ASN B 257 10.85 26.04 16.61
C ASN B 257 10.93 24.54 16.29
N PRO B 258 12.13 23.92 16.29
CA PRO B 258 12.23 22.47 15.97
C PRO B 258 11.33 21.56 16.83
N SER B 259 11.14 21.90 18.14
CA SER B 259 10.31 21.10 19.06
C SER B 259 8.82 21.13 18.76
N ASP B 260 8.37 22.10 17.95
CA ASP B 260 6.97 22.19 17.53
C ASP B 260 6.66 21.35 16.29
N ARG B 261 7.69 20.89 15.57
CA ARG B 261 7.50 20.08 14.36
C ARG B 261 7.06 18.64 14.74
N PRO B 262 6.22 17.97 13.92
CA PRO B 262 5.83 16.60 14.28
C PRO B 262 7.01 15.63 14.19
N SER B 263 6.87 14.44 14.77
CA SER B 263 7.88 13.40 14.68
C SER B 263 7.61 12.67 13.37
N PHE B 264 8.59 11.91 12.87
CA PHE B 264 8.32 11.10 11.70
C PHE B 264 7.29 9.98 11.99
N ALA B 265 7.20 9.53 13.27
CA ALA B 265 6.18 8.52 13.67
C ALA B 265 4.78 9.11 13.49
N GLU B 266 4.58 10.37 13.94
CA GLU B 266 3.32 11.10 13.80
C GLU B 266 3.04 11.45 12.34
N ILE B 267 4.09 11.79 11.55
CA ILE B 267 3.94 12.09 10.13
C ILE B 267 3.40 10.86 9.41
N HIS B 268 4.09 9.70 9.56
CA HIS B 268 3.70 8.47 8.90
C HIS B 268 2.24 8.07 9.32
N GLN B 269 1.91 8.28 10.61
CA GLN B 269 0.58 8.00 11.15
C GLN B 269 -0.49 8.92 10.56
N ALA B 270 -0.13 10.21 10.34
CA ALA B 270 -1.05 11.17 9.74
C ALA B 270 -1.36 10.74 8.31
N PHE B 271 -0.37 10.22 7.57
CA PHE B 271 -0.55 9.76 6.19
C PHE B 271 -1.47 8.53 6.03
N GLU B 272 -1.42 7.59 7.00
CA GLU B 272 -2.27 6.40 6.89
C GLU B 272 -3.73 6.61 7.30
N THR B 273 -3.99 7.50 8.29
CA THR B 273 -5.35 7.84 8.75
C THR B 273 -5.81 9.22 8.24
N MET B 274 -5.21 9.71 7.13
CA MET B 274 -5.50 11.02 6.53
C MET B 274 -6.80 11.05 5.76
N PHE B 275 -6.93 10.20 4.72
CA PHE B 275 -8.09 10.13 3.84
C PHE B 275 -8.99 8.93 4.16
N GLN B 276 -9.48 8.87 5.41
CA GLN B 276 -10.37 7.80 5.87
C GLN B 276 -11.84 8.15 5.63
N GLU B 277 -12.18 9.45 5.62
CA GLU B 277 -13.54 9.97 5.38
C GLU B 277 -13.77 10.33 3.90
N SER B 278 -12.69 10.48 3.10
CA SER B 278 -12.76 10.81 1.67
C SER B 278 -11.58 10.26 0.85
N SER B 279 -11.51 10.57 -0.46
CA SER B 279 -10.47 10.09 -1.36
C SER B 279 -9.52 11.22 -1.78
N ILE B 280 -8.19 10.93 -1.81
CA ILE B 280 -7.16 11.91 -2.21
C ILE B 280 -7.33 12.37 -3.67
N SER B 281 -7.65 11.43 -4.60
CA SER B 281 -7.90 11.79 -6.00
C SER B 281 -9.14 12.69 -6.10
N ASP B 282 -10.14 12.46 -5.22
CA ASP B 282 -11.37 13.26 -5.11
C ASP B 282 -11.05 14.63 -4.50
N GLU B 283 -10.22 14.67 -3.44
CA GLU B 283 -9.78 15.91 -2.79
C GLU B 283 -8.93 16.77 -3.73
N VAL B 284 -8.16 16.12 -4.63
CA VAL B 284 -7.33 16.78 -5.65
C VAL B 284 -8.23 17.39 -6.74
N GLU B 285 -9.23 16.62 -7.25
CA GLU B 285 -10.19 17.06 -8.29
C GLU B 285 -11.04 18.26 -7.79
N LYS B 286 -11.49 18.20 -6.51
CA LYS B 286 -12.24 19.24 -5.82
C LYS B 286 -11.43 20.55 -5.75
N GLU B 287 -10.12 20.46 -5.34
CA GLU B 287 -9.22 21.61 -5.20
C GLU B 287 -8.89 22.24 -6.55
N LEU B 288 -8.65 21.40 -7.57
CA LEU B 288 -8.36 21.87 -8.92
C LEU B 288 -9.56 22.55 -9.57
#